data_6O5G
#
_entry.id   6O5G
#
_cell.length_a   50.858
_cell.length_b   56.754
_cell.length_c   117.168
_cell.angle_alpha   90.000
_cell.angle_beta   90.000
_cell.angle_gamma   90.000
#
_symmetry.space_group_name_H-M   'C 2 2 21'
#
loop_
_entity.id
_entity.type
_entity.pdbx_description
1 polymer Calmodulin-1
2 non-polymer '(5aS,12aS,13aS)-9-bromo-8-chloro-12,12-dimethyl-2,3,11,12,12a,13-hexahydro-1H,5H,6H-5a,13a-(epiminomethano)indolizino[7 ,6-b]carbazol-14-one'
3 non-polymer 'CALCIUM ION'
4 non-polymer 'ZINC ION'
5 water water
#
_entity_poly.entity_id   1
_entity_poly.type   'polypeptide(L)'
_entity_poly.pdbx_seq_one_letter_code
;SNAMADQLTEEQIAEFKEAFSLFDKDGDGTITTKELGTVMRSLGQNPTEAELQDMINEVDADGNGTIDFPEFLTMMARKM
KDTDSEEEIREAFRVFDKDGNGYISAAELRHVMTNLGEKLTDEEVDEMIREADIDGDGQVNYEEFVQMMTAK
;
_entity_poly.pdbx_strand_id   A
#
# COMPACT_ATOMS: atom_id res chain seq x y z
N LEU A 8 2.76 12.95 -5.25
CA LEU A 8 1.34 13.23 -5.48
C LEU A 8 1.13 13.81 -6.88
N THR A 9 1.91 14.82 -7.24
CA THR A 9 1.74 15.52 -8.50
C THR A 9 2.37 14.74 -9.65
N GLU A 10 1.83 14.93 -10.86
CA GLU A 10 2.44 14.34 -12.05
C GLU A 10 3.88 14.82 -12.24
N GLU A 11 4.16 16.05 -11.83
CA GLU A 11 5.53 16.57 -11.92
C GLU A 11 6.44 15.94 -10.88
N GLN A 12 5.95 15.84 -9.64
CA GLN A 12 6.74 15.24 -8.57
C GLN A 12 7.05 13.77 -8.88
N ILE A 13 6.05 13.02 -9.32
CA ILE A 13 6.26 11.60 -9.62
C ILE A 13 7.29 11.45 -10.74
N ALA A 14 7.23 12.30 -11.75
CA ALA A 14 8.22 12.23 -12.83
C ALA A 14 9.62 12.51 -12.29
N GLU A 15 9.72 13.41 -11.30
CA GLU A 15 11.02 13.67 -10.67
C GLU A 15 11.49 12.44 -9.91
N PHE A 16 10.59 11.76 -9.20
CA PHE A 16 10.96 10.58 -8.45
C PHE A 16 11.34 9.42 -9.37
N LYS A 17 10.69 9.32 -10.54
CA LYS A 17 11.11 8.31 -11.50
C LYS A 17 12.51 8.58 -12.03
N GLU A 18 12.86 9.86 -12.23
CA GLU A 18 14.23 10.19 -12.62
C GLU A 18 15.21 9.75 -11.55
N ALA A 19 14.90 10.04 -10.29
CA ALA A 19 15.80 9.66 -9.21
C ALA A 19 15.95 8.15 -9.10
N PHE A 20 14.82 7.43 -9.22
CA PHE A 20 14.87 5.97 -9.16
C PHE A 20 15.81 5.41 -10.21
N SER A 21 15.67 5.87 -11.46
CA SER A 21 16.50 5.37 -12.54
C SER A 21 17.97 5.66 -12.28
N LEU A 22 18.27 6.81 -11.67
CA LEU A 22 19.66 7.13 -11.33
C LEU A 22 20.23 6.15 -10.33
N PHE A 23 19.47 5.87 -9.27
CA PHE A 23 19.96 5.02 -8.18
C PHE A 23 20.06 3.56 -8.64
N ASP A 24 19.15 3.13 -9.52
CA ASP A 24 19.12 1.77 -10.04
C ASP A 24 20.12 1.70 -11.18
N LYS A 25 21.40 1.52 -10.82
CA LYS A 25 22.47 1.63 -11.81
C LYS A 25 22.40 0.52 -12.85
N ASP A 26 22.04 -0.69 -12.46
CA ASP A 26 22.00 -1.77 -13.43
C ASP A 26 20.66 -1.86 -14.16
N GLY A 27 19.72 -0.98 -13.86
CA GLY A 27 18.46 -0.94 -14.58
C GLY A 27 17.57 -2.16 -14.43
N ASP A 28 17.81 -3.03 -13.45
CA ASP A 28 16.94 -4.18 -13.28
C ASP A 28 15.63 -3.84 -12.58
N GLY A 29 15.41 -2.58 -12.25
CA GLY A 29 14.15 -2.15 -11.66
C GLY A 29 14.06 -2.26 -10.15
N THR A 30 15.15 -2.60 -9.47
CA THR A 30 15.15 -2.67 -8.01
C THR A 30 16.45 -2.05 -7.49
N ILE A 31 16.36 -1.41 -6.33
CA ILE A 31 17.52 -0.77 -5.69
C ILE A 31 18.00 -1.66 -4.56
N THR A 32 19.25 -2.10 -4.64
CA THR A 32 19.87 -2.96 -3.65
C THR A 32 20.57 -2.11 -2.58
N THR A 33 20.99 -2.76 -1.49
CA THR A 33 21.79 -2.04 -0.51
C THR A 33 23.07 -1.51 -1.13
N LYS A 34 23.65 -2.25 -2.08
CA LYS A 34 24.88 -1.79 -2.70
C LYS A 34 24.63 -0.52 -3.49
N GLU A 35 23.52 -0.50 -4.25
CA GLU A 35 23.20 0.70 -5.03
C GLU A 35 22.84 1.85 -4.12
N LEU A 36 22.09 1.60 -3.05
CA LEU A 36 21.76 2.66 -2.11
C LEU A 36 23.02 3.19 -1.42
N GLY A 37 23.96 2.31 -1.07
CA GLY A 37 25.16 2.78 -0.41
C GLY A 37 26.00 3.70 -1.30
N THR A 38 26.07 3.38 -2.59
CA THR A 38 26.79 4.26 -3.51
C THR A 38 26.26 5.69 -3.45
N VAL A 39 24.94 5.83 -3.48
CA VAL A 39 24.33 7.15 -3.43
C VAL A 39 24.59 7.83 -2.10
N MET A 40 24.35 7.11 -0.99
CA MET A 40 24.56 7.71 0.33
C MET A 40 25.99 8.21 0.47
N ARG A 41 26.96 7.46 -0.04
CA ARG A 41 28.34 7.88 0.15
C ARG A 41 28.71 9.04 -0.76
N SER A 42 28.07 9.15 -1.93
CA SER A 42 28.29 10.32 -2.77
C SER A 42 27.79 11.59 -2.10
N LEU A 43 26.85 11.46 -1.17
CA LEU A 43 26.33 12.60 -0.42
C LEU A 43 27.01 12.75 0.95
N GLY A 44 28.16 12.12 1.14
CA GLY A 44 28.98 12.33 2.32
C GLY A 44 28.60 11.53 3.55
N GLN A 45 27.68 10.58 3.45
CA GLN A 45 27.33 9.73 4.56
C GLN A 45 28.15 8.44 4.50
N ASN A 46 28.20 7.72 5.63
CA ASN A 46 28.94 6.46 5.73
C ASN A 46 28.10 5.38 6.42
N PRO A 47 26.94 5.04 5.86
CA PRO A 47 26.04 4.09 6.52
C PRO A 47 26.64 2.69 6.55
N THR A 48 26.35 1.95 7.61
CA THR A 48 26.78 0.55 7.62
C THR A 48 25.86 -0.29 6.75
N GLU A 49 26.32 -1.50 6.44
CA GLU A 49 25.47 -2.45 5.73
C GLU A 49 24.14 -2.67 6.45
N ALA A 50 24.18 -2.80 7.79
CA ALA A 50 22.97 -2.99 8.56
C ALA A 50 22.04 -1.78 8.46
N GLU A 51 22.62 -0.59 8.45
CA GLU A 51 21.80 0.62 8.37
C GLU A 51 21.19 0.78 6.98
N LEU A 52 21.94 0.44 5.93
CA LEU A 52 21.34 0.43 4.59
C LEU A 52 20.21 -0.58 4.50
N GLN A 53 20.37 -1.75 5.09
CA GLN A 53 19.31 -2.75 5.05
C GLN A 53 18.08 -2.27 5.83
N ASP A 54 18.29 -1.57 6.95
CA ASP A 54 17.17 -1.00 7.69
C ASP A 54 16.42 0.05 6.88
N MET A 55 17.15 0.89 6.14
CA MET A 55 16.49 1.87 5.27
C MET A 55 15.58 1.19 4.28
N ILE A 56 16.04 0.07 3.70
CA ILE A 56 15.20 -0.65 2.75
C ILE A 56 14.04 -1.32 3.47
N ASN A 57 14.32 -1.97 4.61
CA ASN A 57 13.26 -2.69 5.33
C ASN A 57 12.12 -1.76 5.71
N GLU A 58 12.41 -0.48 5.94
CA GLU A 58 11.37 0.46 6.38
C GLU A 58 10.28 0.65 5.31
N VAL A 59 10.60 0.39 4.05
CA VAL A 59 9.66 0.58 2.95
C VAL A 59 9.42 -0.70 2.16
N ASP A 60 10.01 -1.81 2.59
CA ASP A 60 10.05 -3.05 1.81
C ASP A 60 8.75 -3.82 2.00
N ALA A 61 7.71 -3.37 1.31
CA ALA A 61 6.37 -3.93 1.50
C ALA A 61 6.32 -5.41 1.16
N ASP A 62 7.00 -5.84 0.10
CA ASP A 62 6.92 -7.24 -0.31
C ASP A 62 7.97 -8.11 0.37
N GLY A 63 8.92 -7.51 1.10
CA GLY A 63 9.85 -8.29 1.89
C GLY A 63 10.96 -8.97 1.12
N ASN A 64 11.24 -8.56 -0.11
CA ASN A 64 12.30 -9.21 -0.87
C ASN A 64 13.66 -8.57 -0.65
N GLY A 65 13.76 -7.54 0.20
CA GLY A 65 15.04 -6.98 0.58
C GLY A 65 15.61 -5.94 -0.37
N THR A 66 14.87 -5.56 -1.41
CA THR A 66 15.26 -4.50 -2.33
C THR A 66 14.09 -3.56 -2.53
N ILE A 67 14.35 -2.39 -3.09
CA ILE A 67 13.33 -1.35 -3.28
C ILE A 67 12.90 -1.33 -4.75
N ASP A 68 11.62 -1.58 -5.03
CA ASP A 68 11.09 -1.34 -6.37
C ASP A 68 10.46 0.05 -6.41
N PHE A 69 9.99 0.47 -7.59
CA PHE A 69 9.51 1.86 -7.69
C PHE A 69 8.33 2.15 -6.78
N PRO A 70 7.32 1.30 -6.62
CA PRO A 70 6.24 1.65 -5.67
C PRO A 70 6.74 1.85 -4.26
N GLU A 71 7.74 1.09 -3.83
CA GLU A 71 8.27 1.26 -2.49
C GLU A 71 9.15 2.50 -2.39
N PHE A 72 9.82 2.84 -3.49
CA PHE A 72 10.60 4.07 -3.54
C PHE A 72 9.70 5.29 -3.37
N LEU A 73 8.46 5.23 -3.87
CA LEU A 73 7.53 6.32 -3.64
C LEU A 73 7.24 6.49 -2.16
N THR A 74 7.10 5.38 -1.44
CA THR A 74 7.00 5.45 0.02
C THR A 74 8.24 6.13 0.61
N MET A 75 9.42 5.71 0.17
CA MET A 75 10.65 6.30 0.69
C MET A 75 10.71 7.80 0.37
N MET A 76 10.34 8.18 -0.86
CA MET A 76 10.38 9.59 -1.24
C MET A 76 9.33 10.42 -0.51
N ALA A 77 8.20 9.81 -0.15
CA ALA A 77 7.25 10.50 0.71
C ALA A 77 7.72 10.53 2.16
N ARG A 78 8.86 9.92 2.46
CA ARG A 78 9.44 9.87 3.81
C ARG A 78 8.48 9.20 4.79
N LYS A 79 7.85 8.11 4.34
CA LYS A 79 6.89 7.36 5.14
C LYS A 79 7.41 5.95 5.39
N MET A 80 6.83 5.32 6.41
CA MET A 80 7.05 3.92 6.71
C MET A 80 6.02 3.06 5.98
N LYS A 81 6.38 1.80 5.72
CA LYS A 81 5.52 0.95 4.92
C LYS A 81 4.17 0.68 5.59
N ASP A 82 4.12 0.74 6.92
CA ASP A 82 2.84 0.57 7.62
C ASP A 82 1.92 1.74 7.37
N THR A 83 2.46 2.96 7.42
CA THR A 83 1.64 4.13 7.08
C THR A 83 1.13 4.01 5.66
N ASP A 84 2.02 3.63 4.74
CA ASP A 84 1.66 3.56 3.33
C ASP A 84 0.62 2.47 3.07
N SER A 85 0.76 1.31 3.73
CA SER A 85 -0.21 0.24 3.53
C SER A 85 -1.58 0.61 4.08
N GLU A 86 -1.62 1.27 5.25
CA GLU A 86 -2.89 1.73 5.79
C GLU A 86 -3.58 2.69 4.84
N GLU A 87 -2.82 3.57 4.20
CA GLU A 87 -3.40 4.52 3.25
C GLU A 87 -4.01 3.80 2.05
N GLU A 88 -3.35 2.73 1.57
CA GLU A 88 -3.87 2.00 0.42
C GLU A 88 -5.10 1.16 0.80
N ILE A 89 -5.12 0.61 2.02
CA ILE A 89 -6.30 -0.13 2.45
C ILE A 89 -7.49 0.81 2.58
N ARG A 90 -7.26 2.03 3.05
CA ARG A 90 -8.35 2.99 3.16
C ARG A 90 -8.85 3.44 1.79
N GLU A 91 -7.96 3.53 0.80
CA GLU A 91 -8.42 3.81 -0.56
C GLU A 91 -9.35 2.72 -1.07
N ALA A 92 -9.00 1.46 -0.83
CA ALA A 92 -9.87 0.35 -1.23
C ALA A 92 -11.17 0.37 -0.46
N PHE A 93 -11.12 0.71 0.83
CA PHE A 93 -12.33 0.77 1.65
C PHE A 93 -13.31 1.80 1.08
N ARG A 94 -12.81 2.94 0.62
CA ARG A 94 -13.69 4.00 0.14
C ARG A 94 -14.35 3.64 -1.19
N VAL A 95 -13.78 2.69 -1.94
CA VAL A 95 -14.44 2.23 -3.15
C VAL A 95 -15.78 1.60 -2.81
N PHE A 96 -15.82 0.81 -1.74
CA PHE A 96 -17.05 0.14 -1.36
C PHE A 96 -17.98 1.05 -0.56
N ASP A 97 -17.43 1.99 0.21
CA ASP A 97 -18.23 2.82 1.11
C ASP A 97 -18.80 3.99 0.29
N LYS A 98 -19.77 3.67 -0.57
CA LYS A 98 -20.24 4.64 -1.56
C LYS A 98 -20.81 5.90 -0.89
N ASP A 99 -21.59 5.76 0.17
CA ASP A 99 -22.19 6.95 0.76
C ASP A 99 -21.24 7.65 1.73
N GLY A 100 -20.07 7.08 1.98
CA GLY A 100 -19.02 7.76 2.71
C GLY A 100 -19.25 7.87 4.21
N ASN A 101 -20.14 7.07 4.77
CA ASN A 101 -20.45 7.20 6.20
C ASN A 101 -19.53 6.38 7.08
N GLY A 102 -18.53 5.72 6.52
CA GLY A 102 -17.56 4.99 7.31
C GLY A 102 -17.90 3.54 7.56
N TYR A 103 -18.97 3.03 6.94
CA TYR A 103 -19.46 1.68 7.13
C TYR A 103 -19.85 1.15 5.77
N ILE A 104 -19.49 -0.09 5.47
CA ILE A 104 -19.94 -0.74 4.26
C ILE A 104 -21.19 -1.54 4.60
N SER A 105 -22.29 -1.26 3.91
CA SER A 105 -23.52 -2.00 4.09
C SER A 105 -23.58 -3.18 3.14
N ALA A 106 -24.51 -4.10 3.41
CA ALA A 106 -24.75 -5.19 2.47
C ALA A 106 -25.08 -4.67 1.09
N ALA A 107 -25.94 -3.64 1.02
CA ALA A 107 -26.33 -3.10 -0.29
C ALA A 107 -25.13 -2.51 -1.01
N GLU A 108 -24.28 -1.77 -0.28
CA GLU A 108 -23.09 -1.19 -0.91
C GLU A 108 -22.15 -2.28 -1.39
N LEU A 109 -21.95 -3.33 -0.59
CA LEU A 109 -21.08 -4.42 -1.00
C LEU A 109 -21.62 -5.12 -2.24
N ARG A 110 -22.93 -5.41 -2.26
CA ARG A 110 -23.53 -6.03 -3.44
C ARG A 110 -23.39 -5.16 -4.67
N HIS A 111 -23.61 -3.85 -4.50
CA HIS A 111 -23.63 -2.91 -5.62
C HIS A 111 -22.27 -2.75 -6.25
N VAL A 112 -21.26 -2.46 -5.43
CA VAL A 112 -19.91 -2.21 -5.96
C VAL A 112 -19.31 -3.50 -6.50
N MET A 113 -19.53 -4.62 -5.81
CA MET A 113 -19.06 -5.91 -6.33
C MET A 113 -19.67 -6.23 -7.68
N THR A 114 -20.98 -6.01 -7.84
CA THR A 114 -21.62 -6.26 -9.12
C THR A 114 -20.99 -5.39 -10.21
N ASN A 115 -20.75 -4.12 -9.93
CA ASN A 115 -20.21 -3.23 -10.94
C ASN A 115 -18.73 -3.51 -11.20
N LEU A 116 -18.06 -4.23 -10.31
CA LEU A 116 -16.70 -4.70 -10.55
C LEU A 116 -16.67 -6.09 -11.18
N GLY A 117 -17.82 -6.60 -11.62
CA GLY A 117 -17.88 -7.84 -12.37
C GLY A 117 -18.13 -9.09 -11.56
N GLU A 118 -18.25 -8.98 -10.24
CA GLU A 118 -18.51 -10.13 -9.38
C GLU A 118 -20.00 -10.18 -9.07
N LYS A 119 -20.72 -11.04 -9.78
CA LYS A 119 -22.13 -11.29 -9.48
C LYS A 119 -22.21 -12.19 -8.25
N LEU A 120 -22.78 -11.67 -7.17
CA LEU A 120 -22.95 -12.38 -5.91
C LEU A 120 -24.43 -12.49 -5.62
N THR A 121 -24.86 -13.64 -5.07
CA THR A 121 -26.23 -13.73 -4.62
C THR A 121 -26.43 -12.89 -3.35
N ASP A 122 -27.69 -12.56 -3.07
CA ASP A 122 -27.96 -11.79 -1.86
C ASP A 122 -27.53 -12.54 -0.60
N GLU A 123 -27.63 -13.87 -0.61
CA GLU A 123 -27.19 -14.63 0.55
C GLU A 123 -25.67 -14.61 0.67
N GLU A 124 -24.96 -14.71 -0.46
CA GLU A 124 -23.50 -14.60 -0.43
C GLU A 124 -23.07 -13.27 0.18
N VAL A 125 -23.82 -12.20 -0.11
CA VAL A 125 -23.45 -10.89 0.38
C VAL A 125 -23.74 -10.78 1.88
N ASP A 126 -24.91 -11.28 2.30
CA ASP A 126 -25.26 -11.20 3.71
C ASP A 126 -24.22 -11.93 4.57
N GLU A 127 -23.79 -13.12 4.15
CA GLU A 127 -22.82 -13.86 4.94
C GLU A 127 -21.46 -13.17 4.93
N MET A 128 -21.08 -12.52 3.82
CA MET A 128 -19.82 -11.79 3.80
C MET A 128 -19.82 -10.65 4.80
N ILE A 129 -20.94 -9.91 4.90
CA ILE A 129 -21.05 -8.86 5.90
C ILE A 129 -21.01 -9.46 7.30
N ARG A 130 -21.77 -10.54 7.52
CA ARG A 130 -21.83 -11.17 8.83
C ARG A 130 -20.47 -11.67 9.27
N GLU A 131 -19.71 -12.27 8.35
CA GLU A 131 -18.38 -12.76 8.68
C GLU A 131 -17.44 -11.61 9.07
N ALA A 132 -17.53 -10.50 8.36
CA ALA A 132 -16.61 -9.38 8.59
C ALA A 132 -17.03 -8.52 9.78
N ASP A 133 -18.32 -8.53 10.10
CA ASP A 133 -18.92 -7.65 11.11
C ASP A 133 -18.59 -8.19 12.49
N ILE A 134 -17.54 -7.67 13.11
CA ILE A 134 -17.13 -8.18 14.42
C ILE A 134 -18.03 -7.65 15.52
N ASP A 135 -18.34 -6.35 15.51
CA ASP A 135 -19.09 -5.79 16.64
C ASP A 135 -20.61 -6.01 16.53
N GLY A 136 -21.11 -6.57 15.43
CA GLY A 136 -22.50 -6.96 15.37
C GLY A 136 -23.49 -5.87 15.03
N ASP A 137 -23.04 -4.75 14.47
CA ASP A 137 -23.95 -3.67 14.12
C ASP A 137 -24.56 -3.82 12.73
N GLY A 138 -24.19 -4.87 12.00
CA GLY A 138 -24.75 -5.11 10.69
C GLY A 138 -23.99 -4.46 9.55
N GLN A 139 -22.89 -3.76 9.83
CA GLN A 139 -22.10 -3.06 8.82
C GLN A 139 -20.63 -3.34 9.06
N VAL A 140 -19.81 -3.04 8.05
CA VAL A 140 -18.38 -3.31 8.11
C VAL A 140 -17.66 -1.96 8.17
N ASN A 141 -17.03 -1.66 9.31
CA ASN A 141 -16.24 -0.45 9.41
C ASN A 141 -14.80 -0.71 8.96
N TYR A 142 -13.95 0.33 9.05
CA TYR A 142 -12.60 0.24 8.50
C TYR A 142 -11.78 -0.86 9.17
N GLU A 143 -11.73 -0.85 10.51
CA GLU A 143 -10.92 -1.84 11.21
C GLU A 143 -11.42 -3.26 10.96
N GLU A 144 -12.72 -3.43 10.75
CA GLU A 144 -13.25 -4.73 10.38
C GLU A 144 -12.84 -5.10 8.96
N PHE A 145 -12.81 -4.11 8.07
CA PHE A 145 -12.30 -4.30 6.71
C PHE A 145 -10.83 -4.76 6.74
N VAL A 146 -10.00 -4.09 7.55
CA VAL A 146 -8.60 -4.48 7.68
C VAL A 146 -8.48 -5.93 8.12
N GLN A 147 -9.28 -6.32 9.11
CA GLN A 147 -9.21 -7.69 9.62
C GLN A 147 -9.70 -8.71 8.60
N MET A 148 -10.72 -8.37 7.82
CA MET A 148 -11.21 -9.30 6.81
C MET A 148 -10.12 -9.64 5.80
N MET A 149 -9.30 -8.66 5.44
CA MET A 149 -8.18 -8.91 4.56
C MET A 149 -6.97 -9.49 5.29
N THR A 150 -7.11 -9.69 6.61
CA THR A 150 -6.03 -10.14 7.49
C THR A 150 -4.89 -9.14 7.48
#